data_4HN6
#
_entry.id   4HN6
#
_cell.length_a   38.740
_cell.length_b   87.870
_cell.length_c   103.150
_cell.angle_alpha   90.00
_cell.angle_beta   90.00
_cell.angle_gamma   90.00
#
_symmetry.space_group_name_H-M   'P 21 21 21'
#
loop_
_entity.id
_entity.type
_entity.pdbx_description
1 polymer 'Glucocorticoid receptor'
2 polymer "DNA (5'-D(*CP*GP*CP*CP*TP*CP*CP*GP*GP*GP*AP*GP*AP*GP*CP*T)-3')"
3 polymer "DNA (5'-D(*AP*GP*CP*TP*CP*TP*CP*CP*CP*GP*GP*AP*GP*GP*CP*G)-3')"
4 non-polymer 'ZINC ION'
5 water water
#
loop_
_entity_poly.entity_id
_entity_poly.type
_entity_poly.pdbx_seq_one_letter_code
_entity_poly.pdbx_strand_id
1 'polypeptide(L)'
;MHHHHHHSSGVDLGTENLYFQSNAPPKLCLVCSDEASGCHYGVLTCGSCKVFFKRAVEGQHNYLCAGDNRCIIDKIRRKN
CPACRYRKCLQAGMNLEARKTKKKIKGIQQATTG
;
A,B
2 'polydeoxyribonucleotide' (DC)(DG)(DC)(DC)(DT)(DC)(DC)(DG)(DG)(DG)(DA)(DG)(DA)(DG)(DC)(DT) C
3 'polydeoxyribonucleotide' (DA)(DG)(DC)(DT)(DC)(DT)(DC)(DC)(DC)(DG)(DG)(DA)(DG)(DG)(DC)(DG) D
#
loop_
_chem_comp.id
_chem_comp.type
_chem_comp.name
_chem_comp.formula
DA DNA linking 2'-DEOXYADENOSINE-5'-MONOPHOSPHATE 'C10 H14 N5 O6 P'
DC DNA linking 2'-DEOXYCYTIDINE-5'-MONOPHOSPHATE 'C9 H14 N3 O7 P'
DG DNA linking 2'-DEOXYGUANOSINE-5'-MONOPHOSPHATE 'C10 H14 N5 O7 P'
DT DNA linking THYMIDINE-5'-MONOPHOSPHATE 'C10 H15 N2 O8 P'
ZN non-polymer 'ZINC ION' 'Zn 2'
#
# COMPACT_ATOMS: atom_id res chain seq x y z
N LYS A 27 -8.34 -18.64 8.76
CA LYS A 27 -7.01 -18.55 8.15
C LYS A 27 -6.96 -19.01 6.69
N LEU A 28 -8.08 -19.49 6.14
CA LEU A 28 -8.09 -20.06 4.79
C LEU A 28 -8.96 -19.27 3.79
N CYS A 29 -8.40 -18.98 2.61
CA CYS A 29 -9.09 -18.19 1.58
C CYS A 29 -10.43 -18.83 1.22
N LEU A 30 -11.51 -18.07 1.33
CA LEU A 30 -12.86 -18.57 0.98
C LEU A 30 -13.05 -18.94 -0.50
N VAL A 31 -12.04 -18.71 -1.33
CA VAL A 31 -12.16 -19.01 -2.75
C VAL A 31 -11.25 -20.16 -3.18
N CYS A 32 -9.97 -20.09 -2.83
CA CYS A 32 -9.02 -21.10 -3.27
C CYS A 32 -8.43 -21.92 -2.13
N SER A 33 -8.81 -21.59 -0.90
CA SER A 33 -8.36 -22.30 0.32
C SER A 33 -6.85 -22.28 0.60
N ASP A 34 -6.13 -21.39 -0.09
CA ASP A 34 -4.75 -21.10 0.27
C ASP A 34 -4.76 -20.36 1.62
N GLU A 35 -3.58 -19.97 2.09
CA GLU A 35 -3.49 -19.24 3.35
C GLU A 35 -4.03 -17.83 3.12
N ALA A 36 -5.15 -17.52 3.77
CA ALA A 36 -5.79 -16.22 3.64
C ALA A 36 -4.95 -15.10 4.28
N SER A 37 -4.79 -14.00 3.56
CA SER A 37 -4.01 -12.86 4.04
C SER A 37 -4.88 -11.75 4.61
N GLY A 38 -6.14 -12.05 4.90
CA GLY A 38 -7.02 -11.05 5.48
C GLY A 38 -8.34 -10.91 4.76
N CYS A 39 -8.98 -9.77 4.95
CA CYS A 39 -10.31 -9.55 4.43
C CYS A 39 -10.30 -8.57 3.25
N HIS A 40 -10.27 -9.09 2.02
CA HIS A 40 -10.24 -8.24 0.83
C HIS A 40 -11.56 -8.16 0.07
N TYR A 41 -12.02 -6.95 -0.22
CA TYR A 41 -13.29 -6.71 -0.89
C TYR A 41 -14.48 -7.45 -0.26
N GLY A 42 -14.43 -7.64 1.06
CA GLY A 42 -15.57 -8.17 1.80
C GLY A 42 -15.43 -9.59 2.29
N VAL A 43 -14.47 -10.32 1.71
CA VAL A 43 -14.35 -11.74 1.95
C VAL A 43 -12.95 -12.12 2.44
N LEU A 44 -12.88 -13.03 3.41
CA LEU A 44 -11.60 -13.57 3.83
C LEU A 44 -10.94 -14.32 2.66
N THR A 45 -9.92 -13.71 2.05
CA THR A 45 -9.25 -14.32 0.92
C THR A 45 -7.75 -14.18 1.00
N CYS A 46 -7.04 -14.88 0.12
CA CYS A 46 -5.61 -14.75 0.01
C CYS A 46 -5.28 -13.55 -0.87
N GLY A 47 -3.99 -13.30 -1.07
CA GLY A 47 -3.56 -12.12 -1.77
C GLY A 47 -3.73 -12.21 -3.26
N SER A 48 -3.48 -13.38 -3.82
CA SER A 48 -3.63 -13.57 -5.26
C SER A 48 -5.10 -13.53 -5.70
N CYS A 49 -6.00 -13.98 -4.83
CA CYS A 49 -7.43 -13.87 -5.12
C CYS A 49 -7.91 -12.42 -5.06
N LYS A 50 -7.36 -11.65 -4.12
CA LYS A 50 -7.59 -10.22 -4.07
C LYS A 50 -7.30 -9.57 -5.42
N VAL A 51 -6.06 -9.70 -5.89
CA VAL A 51 -5.67 -9.05 -7.15
C VAL A 51 -6.37 -9.63 -8.37
N PHE A 52 -6.67 -10.95 -8.33
CA PHE A 52 -7.37 -11.59 -9.45
C PHE A 52 -8.75 -11.00 -9.60
N PHE A 53 -9.47 -10.92 -8.49
CA PHE A 53 -10.83 -10.45 -8.52
C PHE A 53 -10.91 -9.01 -9.04
N LYS A 54 -10.10 -8.12 -8.47
CA LYS A 54 -10.01 -6.73 -8.91
C LYS A 54 -9.79 -6.60 -10.42
N ARG A 55 -8.88 -7.42 -10.95
CA ARG A 55 -8.56 -7.38 -12.37
C ARG A 55 -9.68 -7.94 -13.24
N ALA A 56 -10.41 -8.91 -12.70
CA ALA A 56 -11.48 -9.55 -13.44
C ALA A 56 -12.65 -8.59 -13.57
N VAL A 57 -13.03 -7.97 -12.46
CA VAL A 57 -14.14 -7.03 -12.44
C VAL A 57 -13.88 -5.89 -13.39
N GLU A 58 -12.75 -5.22 -13.21
CA GLU A 58 -12.42 -4.07 -14.04
C GLU A 58 -12.04 -4.47 -15.46
N GLY A 59 -11.48 -5.67 -15.61
CA GLY A 59 -11.06 -6.14 -16.92
C GLY A 59 -12.22 -6.29 -17.89
N GLN A 60 -13.45 -6.25 -17.37
CA GLN A 60 -14.64 -6.48 -18.19
C GLN A 60 -14.40 -7.73 -18.99
N HIS A 61 -14.43 -8.86 -18.30
CA HIS A 61 -13.89 -10.08 -18.87
C HIS A 61 -14.93 -11.15 -19.22
N ASN A 62 -14.90 -11.55 -20.49
CA ASN A 62 -15.58 -12.73 -21.03
C ASN A 62 -15.59 -13.94 -20.08
N TYR A 63 -14.51 -14.72 -20.12
CA TYR A 63 -14.32 -15.94 -19.33
C TYR A 63 -15.29 -17.05 -19.67
N LEU A 64 -14.77 -18.08 -20.31
CA LEU A 64 -15.52 -19.29 -20.60
C LEU A 64 -14.81 -20.47 -19.95
N CYS A 65 -15.56 -21.29 -19.20
CA CYS A 65 -15.02 -22.52 -18.62
C CYS A 65 -14.84 -23.58 -19.71
N ALA A 66 -13.73 -24.30 -19.69
CA ALA A 66 -13.49 -25.36 -20.68
C ALA A 66 -14.06 -26.69 -20.24
N GLY A 67 -14.51 -26.77 -18.99
CA GLY A 67 -15.14 -27.96 -18.45
C GLY A 67 -16.65 -27.81 -18.43
N ASP A 68 -17.25 -27.78 -17.24
CA ASP A 68 -18.70 -27.61 -17.14
C ASP A 68 -19.14 -26.71 -15.98
N ASN A 69 -18.34 -25.68 -15.70
CA ASN A 69 -18.59 -24.66 -14.68
C ASN A 69 -18.47 -25.20 -13.26
N ARG A 70 -17.75 -26.31 -13.13
CA ARG A 70 -17.59 -27.00 -11.86
C ARG A 70 -16.12 -27.25 -11.55
N CYS A 71 -15.26 -26.38 -12.05
CA CYS A 71 -13.83 -26.52 -11.83
C CYS A 71 -13.45 -26.44 -10.36
N ILE A 72 -12.47 -27.25 -9.96
CA ILE A 72 -11.93 -27.21 -8.60
C ILE A 72 -10.98 -26.03 -8.50
N ILE A 73 -11.31 -25.07 -7.64
CA ILE A 73 -10.40 -23.95 -7.39
C ILE A 73 -9.58 -24.09 -6.08
N ASP A 74 -8.34 -24.55 -6.21
CA ASP A 74 -7.44 -24.56 -5.07
C ASP A 74 -6.09 -23.92 -5.41
N LYS A 75 -5.17 -23.94 -4.45
CA LYS A 75 -3.87 -23.31 -4.58
C LYS A 75 -3.23 -23.67 -5.90
N ILE A 76 -3.23 -24.96 -6.21
CA ILE A 76 -2.48 -25.45 -7.35
C ILE A 76 -3.29 -25.40 -8.66
N ARG A 77 -4.58 -25.08 -8.58
CA ARG A 77 -5.45 -25.11 -9.75
C ARG A 77 -6.19 -23.82 -10.10
N ARG A 78 -6.12 -22.82 -9.22
CA ARG A 78 -6.91 -21.61 -9.45
C ARG A 78 -6.54 -20.90 -10.76
N LYS A 79 -5.37 -21.19 -11.29
CA LYS A 79 -4.90 -20.58 -12.52
C LYS A 79 -5.68 -21.03 -13.77
N ASN A 80 -6.15 -22.27 -13.77
CA ASN A 80 -6.73 -22.85 -14.98
C ASN A 80 -8.01 -22.19 -15.38
N CYS A 81 -8.89 -21.95 -14.43
CA CYS A 81 -10.21 -21.50 -14.82
C CYS A 81 -10.62 -20.18 -14.18
N PRO A 82 -10.28 -19.08 -14.84
CA PRO A 82 -10.74 -17.74 -14.42
C PRO A 82 -12.26 -17.72 -14.32
N ALA A 83 -12.95 -18.38 -15.24
CA ALA A 83 -14.41 -18.38 -15.23
C ALA A 83 -14.97 -18.88 -13.88
N CYS A 84 -14.43 -19.98 -13.40
CA CYS A 84 -14.90 -20.55 -12.15
C CYS A 84 -14.36 -19.78 -10.95
N ARG A 85 -13.12 -19.33 -11.05
CA ARG A 85 -12.52 -18.55 -9.98
C ARG A 85 -13.35 -17.29 -9.77
N TYR A 86 -13.67 -16.61 -10.86
CA TYR A 86 -14.46 -15.39 -10.76
C TYR A 86 -15.88 -15.68 -10.25
N ARG A 87 -16.50 -16.72 -10.79
CA ARG A 87 -17.82 -17.16 -10.31
C ARG A 87 -17.77 -17.44 -8.81
N LYS A 88 -16.71 -18.10 -8.38
CA LYS A 88 -16.58 -18.47 -6.99
C LYS A 88 -16.33 -17.20 -6.15
N CYS A 89 -15.54 -16.28 -6.70
CA CYS A 89 -15.29 -15.00 -6.06
C CYS A 89 -16.59 -14.26 -5.78
N LEU A 90 -17.39 -14.08 -6.82
CA LEU A 90 -18.67 -13.41 -6.70
C LEU A 90 -19.63 -14.13 -5.74
N GLN A 91 -19.73 -15.44 -5.86
CA GLN A 91 -20.60 -16.18 -4.96
C GLN A 91 -20.13 -16.13 -3.51
N ALA A 92 -18.84 -15.92 -3.29
CA ALA A 92 -18.32 -15.77 -1.93
C ALA A 92 -18.67 -14.40 -1.33
N GLY A 93 -19.13 -13.48 -2.18
CA GLY A 93 -19.55 -12.18 -1.69
C GLY A 93 -18.55 -11.06 -1.90
N MET A 94 -17.54 -11.28 -2.73
CA MET A 94 -16.56 -10.23 -3.03
C MET A 94 -17.19 -9.15 -3.89
N ASN A 95 -17.09 -7.90 -3.46
CA ASN A 95 -17.59 -6.78 -4.25
C ASN A 95 -16.61 -5.62 -4.19
N LEU A 96 -16.60 -4.78 -5.21
CA LEU A 96 -15.69 -3.65 -5.24
C LEU A 96 -16.27 -2.42 -4.53
N GLU A 97 -17.06 -2.67 -3.49
CA GLU A 97 -17.56 -1.62 -2.62
C GLU A 97 -16.77 -1.66 -1.31
N ALA A 98 -16.95 -2.76 -0.57
CA ALA A 98 -16.21 -2.99 0.69
C ALA A 98 -14.80 -3.52 0.40
N LYS D 27 20.00 2.49 3.22
CA LYS D 27 19.97 2.26 4.67
C LYS D 27 19.64 3.54 5.47
N LEU D 28 20.09 4.69 4.99
CA LEU D 28 19.95 5.96 5.74
C LEU D 28 18.92 6.97 5.21
N CYS D 29 18.20 7.61 6.12
CA CYS D 29 17.16 8.56 5.74
C CYS D 29 17.77 9.85 5.20
N LEU D 30 17.39 10.20 3.98
CA LEU D 30 17.90 11.40 3.32
C LEU D 30 17.56 12.72 4.04
N VAL D 31 16.69 12.68 5.04
CA VAL D 31 16.34 13.90 5.77
C VAL D 31 17.04 14.03 7.13
N CYS D 32 17.13 12.92 7.87
CA CYS D 32 17.68 12.98 9.24
C CYS D 32 18.79 11.94 9.50
N SER D 33 18.96 11.01 8.57
CA SER D 33 19.96 9.94 8.67
C SER D 33 19.71 8.83 9.70
N ASP D 34 18.51 8.79 10.27
CA ASP D 34 18.06 7.60 10.98
C ASP D 34 18.04 6.43 9.99
N GLU D 35 17.85 5.20 10.46
CA GLU D 35 17.82 4.08 9.50
C GLU D 35 16.55 4.13 8.67
N ALA D 36 16.70 4.12 7.36
CA ALA D 36 15.57 4.32 6.44
C ALA D 36 14.69 3.09 6.35
N SER D 37 13.38 3.30 6.26
CA SER D 37 12.42 2.19 6.26
C SER D 37 11.78 1.93 4.90
N GLY D 38 12.37 2.49 3.84
CA GLY D 38 11.81 2.36 2.51
C GLY D 38 11.88 3.67 1.77
N CYS D 39 11.29 3.67 0.57
CA CYS D 39 11.20 4.85 -0.28
C CYS D 39 9.85 5.51 -0.07
N HIS D 40 9.82 6.66 0.59
CA HIS D 40 8.56 7.30 0.94
C HIS D 40 8.37 8.67 0.29
N TYR D 41 7.21 8.85 -0.35
CA TYR D 41 6.87 10.04 -1.11
C TYR D 41 8.02 10.47 -2.00
N GLY D 42 8.67 9.48 -2.60
CA GLY D 42 9.69 9.71 -3.59
C GLY D 42 11.11 9.51 -3.12
N VAL D 43 11.33 9.52 -1.81
CA VAL D 43 12.69 9.63 -1.28
C VAL D 43 12.97 8.57 -0.25
N LEU D 44 14.22 8.09 -0.19
CA LEU D 44 14.64 7.18 0.87
C LEU D 44 14.56 7.84 2.25
N THR D 45 13.74 7.29 3.14
CA THR D 45 13.30 8.02 4.30
C THR D 45 13.05 7.07 5.48
N CYS D 46 13.10 7.59 6.71
CA CYS D 46 12.76 6.80 7.88
C CYS D 46 11.27 6.86 8.11
N GLY D 47 10.76 5.95 8.94
CA GLY D 47 9.36 5.98 9.29
C GLY D 47 8.89 7.35 9.76
N SER D 48 9.61 7.92 10.73
CA SER D 48 9.11 9.14 11.36
C SER D 48 9.06 10.34 10.41
N CYS D 49 9.99 10.42 9.47
CA CYS D 49 9.97 11.55 8.52
C CYS D 49 8.83 11.42 7.48
N LYS D 50 8.52 10.18 7.12
CA LYS D 50 7.38 9.91 6.27
C LYS D 50 6.12 10.48 6.91
N VAL D 51 5.88 10.10 8.17
CA VAL D 51 4.66 10.53 8.86
C VAL D 51 4.68 12.01 9.10
N PHE D 52 5.87 12.55 9.44
CA PHE D 52 6.02 13.99 9.66
C PHE D 52 5.65 14.79 8.41
N PHE D 53 6.16 14.37 7.27
CA PHE D 53 5.89 15.07 6.03
C PHE D 53 4.40 15.05 5.66
N LYS D 54 3.78 13.87 5.77
CA LYS D 54 2.36 13.75 5.51
C LYS D 54 1.58 14.74 6.38
N ARG D 55 1.84 14.72 7.67
CA ARG D 55 1.20 15.64 8.58
C ARG D 55 1.50 17.12 8.26
N ALA D 56 2.75 17.40 7.88
CA ALA D 56 3.17 18.76 7.55
C ALA D 56 2.40 19.34 6.35
N VAL D 57 2.26 18.56 5.28
CA VAL D 57 1.51 19.01 4.12
C VAL D 57 0.00 19.09 4.38
N GLU D 58 -0.63 17.95 4.70
CA GLU D 58 -2.08 17.92 4.94
C GLU D 58 -2.52 18.92 6.01
N GLY D 59 -1.86 18.91 7.16
CA GLY D 59 -2.27 19.77 8.25
C GLY D 59 -2.01 21.24 7.97
N GLN D 60 -1.35 21.52 6.85
CA GLN D 60 -1.00 22.88 6.46
C GLN D 60 -0.57 23.73 7.65
N HIS D 61 0.24 23.12 8.51
CA HIS D 61 0.94 23.87 9.53
C HIS D 61 1.88 24.77 8.77
N ASN D 62 2.19 25.92 9.34
CA ASN D 62 3.23 26.75 8.77
C ASN D 62 4.20 26.97 9.90
N TYR D 63 5.41 26.48 9.70
CA TYR D 63 6.38 26.44 10.77
C TYR D 63 7.28 27.67 10.73
N LEU D 64 8.20 27.76 11.68
CA LEU D 64 9.05 28.92 11.79
C LEU D 64 10.41 28.60 12.40
N CYS D 65 11.50 28.86 11.68
CA CYS D 65 12.79 28.63 12.29
C CYS D 65 13.11 29.70 13.33
N ALA D 66 13.55 29.26 14.52
CA ALA D 66 14.00 30.18 15.57
C ALA D 66 15.47 30.56 15.44
N GLY D 67 16.19 29.90 14.54
CA GLY D 67 17.59 30.19 14.34
C GLY D 67 17.84 30.88 13.02
N ASP D 68 18.90 30.49 12.32
CA ASP D 68 19.05 30.73 10.90
C ASP D 68 18.37 29.53 10.30
N ASN D 69 17.85 29.63 9.09
CA ASN D 69 17.24 28.42 8.52
C ASN D 69 18.28 27.38 8.16
N ARG D 70 19.13 27.04 9.13
CA ARG D 70 20.26 26.14 8.94
C ARG D 70 20.30 25.05 9.99
N CYS D 71 19.20 24.84 10.71
CA CYS D 71 19.18 23.89 11.83
C CYS D 71 19.65 22.49 11.46
N ILE D 72 20.25 21.79 12.43
CA ILE D 72 20.71 20.41 12.25
C ILE D 72 19.61 19.39 12.53
N ILE D 73 19.28 18.59 11.52
CA ILE D 73 18.20 17.60 11.60
C ILE D 73 18.76 16.19 11.66
N ASP D 74 18.89 15.66 12.87
CA ASP D 74 19.25 14.26 13.06
C ASP D 74 18.27 13.60 14.04
N LYS D 75 18.50 12.33 14.36
CA LYS D 75 17.58 11.59 15.22
C LYS D 75 17.32 12.34 16.54
N ILE D 76 18.36 13.00 17.06
CA ILE D 76 18.27 13.75 18.32
C ILE D 76 17.60 15.13 18.22
N ARG D 77 17.85 15.86 17.12
CA ARG D 77 17.34 17.23 17.02
C ARG D 77 16.17 17.45 16.03
N ARG D 78 15.70 16.40 15.36
CA ARG D 78 14.66 16.57 14.35
C ARG D 78 13.34 17.15 14.88
N LYS D 79 13.02 16.90 16.16
CA LYS D 79 11.81 17.47 16.74
C LYS D 79 11.92 18.98 16.91
N ASN D 80 13.14 19.48 17.09
CA ASN D 80 13.34 20.89 17.44
C ASN D 80 12.86 21.88 16.41
N CYS D 81 13.21 21.64 15.16
CA CYS D 81 12.84 22.61 14.13
C CYS D 81 12.10 21.95 12.99
N PRO D 82 10.78 21.84 13.14
CA PRO D 82 9.91 21.31 12.09
C PRO D 82 10.10 22.12 10.82
N ALA D 83 10.35 23.41 10.96
CA ALA D 83 10.66 24.28 9.83
C ALA D 83 11.81 23.74 8.97
N CYS D 84 12.99 23.57 9.56
CA CYS D 84 14.13 23.04 8.81
C CYS D 84 13.97 21.58 8.39
N ARG D 85 13.23 20.81 9.19
CA ARG D 85 13.03 19.41 8.87
C ARG D 85 12.17 19.32 7.63
N TYR D 86 11.14 20.16 7.58
CA TYR D 86 10.23 20.19 6.44
C TYR D 86 10.95 20.65 5.17
N ARG D 87 11.79 21.68 5.32
CA ARG D 87 12.59 22.17 4.21
C ARG D 87 13.53 21.09 3.68
N LYS D 88 14.24 20.40 4.56
CA LYS D 88 15.08 19.28 4.16
C LYS D 88 14.28 18.19 3.45
N CYS D 89 13.05 17.95 3.91
CA CYS D 89 12.10 17.06 3.23
C CYS D 89 11.83 17.52 1.81
N LEU D 90 11.50 18.79 1.65
CA LEU D 90 11.25 19.35 0.33
C LEU D 90 12.50 19.24 -0.54
N GLN D 91 13.64 19.60 0.04
CA GLN D 91 14.87 19.63 -0.72
C GLN D 91 15.28 18.26 -1.21
N ALA D 92 14.92 17.22 -0.47
CA ALA D 92 15.24 15.87 -0.87
C ALA D 92 14.31 15.42 -2.01
N GLY D 93 13.26 16.22 -2.24
CA GLY D 93 12.27 15.95 -3.28
C GLY D 93 11.04 15.16 -2.85
N MET D 94 10.62 15.27 -1.59
CA MET D 94 9.40 14.60 -1.16
C MET D 94 8.14 15.23 -1.77
N ASN D 95 7.29 14.39 -2.35
CA ASN D 95 6.08 14.84 -3.02
C ASN D 95 4.97 13.94 -2.55
N LEU D 96 3.85 14.52 -2.15
CA LEU D 96 2.76 13.72 -1.59
C LEU D 96 2.21 12.75 -2.61
N GLU D 97 2.15 13.17 -3.87
CA GLU D 97 1.73 12.28 -4.94
C GLU D 97 2.85 11.99 -5.95
N ALA D 98 3.88 11.27 -5.49
CA ALA D 98 5.02 10.91 -6.34
C ALA D 98 4.64 9.91 -7.43
ZN ZN E . -7.32 -17.48 -2.78
ZN ZN F . -14.22 -23.95 -15.10
ZN ZN G . 14.22 10.72 8.81
ZN ZN H . 15.59 25.80 11.99
#